data_4AG9
#
_entry.id   4AG9
#
_cell.length_a   48.872
_cell.length_b   53.353
_cell.length_c   135.096
_cell.angle_alpha   90.00
_cell.angle_beta   90.00
_cell.angle_gamma   90.00
#
_symmetry.space_group_name_H-M   'P 21 21 21'
#
loop_
_entity.id
_entity.type
_entity.pdbx_description
1 polymer 'GLUCOSAMINE-6-PHOSPHATE N-ACETYLTRANSFERASE'
2 non-polymer 'COENZYME A'
3 non-polymer 1,2-ETHANEDIOL
4 non-polymer 2-acetamido-2-deoxy-6-O-phosphono-alpha-D-glucopyranose
5 water water
#
_entity_poly.entity_id   1
_entity_poly.type   'polypeptide(L)'
_entity_poly.pdbx_seq_one_letter_code
;MSHIFDASVLAPHIPSNLPDNFKVRPLAKDDFSKGYVDLLSQLTSVGNLDQEAFEKRFEAMRTSVPNYHIVVIEDSNSQK
VVASASLVVEMKFIHGAGSRGRVEDVVVDTEMRRQKLGAVLLKTLVSLGKSLGVYKISLECVPELLPFYSQFGFQDDCNF
MTQRF
;
_entity_poly.pdbx_strand_id   A,B
#
loop_
_chem_comp.id
_chem_comp.type
_chem_comp.name
_chem_comp.formula
16G D-saccharide, alpha linking 2-acetamido-2-deoxy-6-O-phosphono-alpha-D-glucopyranose 'C8 H16 N O9 P'
COA non-polymer 'COENZYME A' 'C21 H36 N7 O16 P3 S'
EDO non-polymer 1,2-ETHANEDIOL 'C2 H6 O2'
#
# COMPACT_ATOMS: atom_id res chain seq x y z
N SER A 2 3.10 10.32 -22.93
CA SER A 2 3.74 9.69 -21.72
C SER A 2 2.63 9.15 -20.77
N HIS A 3 2.63 7.83 -20.55
CA HIS A 3 1.65 7.15 -19.71
C HIS A 3 2.26 6.79 -18.40
N ILE A 4 1.49 6.68 -17.30
CA ILE A 4 2.13 6.53 -16.01
C ILE A 4 2.62 5.05 -15.91
N PHE A 5 1.99 4.17 -16.69
CA PHE A 5 2.47 2.75 -16.85
C PHE A 5 2.15 2.27 -18.27
N ASP A 6 2.79 1.18 -18.68
CA ASP A 6 2.71 0.77 -20.08
C ASP A 6 1.32 0.26 -20.45
N ALA A 7 0.69 0.97 -21.40
CA ALA A 7 -0.67 0.61 -21.84
C ALA A 7 -0.83 -0.87 -22.26
N SER A 8 0.28 -1.49 -22.65
CA SER A 8 0.24 -2.91 -23.05
C SER A 8 0.00 -3.82 -21.87
N VAL A 9 0.46 -3.41 -20.69
CA VAL A 9 0.10 -4.11 -19.47
C VAL A 9 -1.43 -4.07 -19.27
N LEU A 10 -1.98 -2.90 -19.53
CA LEU A 10 -3.43 -2.70 -19.28
C LEU A 10 -4.36 -3.36 -20.31
N ALA A 11 -3.93 -3.40 -21.56
CA ALA A 11 -4.76 -3.86 -22.69
C ALA A 11 -5.49 -5.17 -22.50
N PRO A 12 -4.82 -6.24 -21.97
CA PRO A 12 -5.67 -7.43 -21.75
C PRO A 12 -6.91 -7.38 -20.82
N HIS A 13 -7.09 -6.32 -20.03
CA HIS A 13 -8.00 -6.35 -18.88
C HIS A 13 -9.13 -5.41 -19.04
N ILE A 14 -9.06 -4.62 -20.11
CA ILE A 14 -10.12 -3.65 -20.34
C ILE A 14 -11.32 -4.32 -20.97
N PRO A 15 -12.50 -4.24 -20.31
CA PRO A 15 -13.70 -4.95 -20.78
C PRO A 15 -14.15 -4.51 -22.19
N SER A 16 -14.90 -5.42 -22.85
CA SER A 16 -15.12 -5.38 -24.29
C SER A 16 -16.29 -4.48 -24.66
N ASN A 17 -17.34 -4.56 -23.85
CA ASN A 17 -18.53 -3.72 -24.05
C ASN A 17 -18.19 -2.21 -24.04
N LEU A 18 -19.01 -1.41 -23.36
CA LEU A 18 -18.79 0.02 -23.21
C LEU A 18 -18.69 0.82 -24.51
N PRO A 19 -19.42 1.93 -24.55
CA PRO A 19 -19.56 2.61 -25.80
C PRO A 19 -18.27 3.27 -26.11
N ASP A 20 -18.10 3.60 -27.38
CA ASP A 20 -17.35 4.76 -27.69
C ASP A 20 -18.14 5.79 -26.87
N ASN A 21 -17.67 6.98 -26.53
CA ASN A 21 -16.48 7.75 -26.86
C ASN A 21 -15.59 7.68 -25.59
N PHE A 22 -15.61 6.52 -24.95
CA PHE A 22 -14.82 6.38 -23.74
C PHE A 22 -13.54 5.62 -24.05
N LYS A 23 -12.42 6.18 -23.60
CA LYS A 23 -11.15 5.49 -23.75
C LYS A 23 -10.67 5.17 -22.32
N VAL A 24 -10.47 3.88 -22.06
CA VAL A 24 -9.90 3.43 -20.82
C VAL A 24 -8.40 3.25 -21.09
N ARG A 25 -7.57 3.94 -20.29
CA ARG A 25 -6.13 3.97 -20.49
C ARG A 25 -5.39 4.35 -19.20
N PRO A 26 -4.05 4.22 -19.20
CA PRO A 26 -3.32 4.73 -18.08
C PRO A 26 -3.43 6.25 -18.00
N LEU A 27 -3.26 6.79 -16.80
CA LEU A 27 -3.04 8.23 -16.64
C LEU A 27 -1.89 8.74 -17.52
N ALA A 28 -2.15 9.87 -18.20
CA ALA A 28 -1.13 10.51 -19.04
C ALA A 28 -0.65 11.80 -18.44
N LYS A 29 0.59 12.15 -18.76
CA LYS A 29 1.20 13.32 -18.16
C LYS A 29 0.41 14.59 -18.45
N ASP A 30 -0.30 14.62 -19.57
CA ASP A 30 -1.04 15.83 -19.96
C ASP A 30 -2.49 15.79 -19.48
N ASP A 31 -2.84 14.81 -18.63
CA ASP A 31 -4.19 14.74 -18.06
C ASP A 31 -4.48 15.86 -17.03
N PHE A 32 -3.44 16.55 -16.57
CA PHE A 32 -3.62 17.74 -15.77
C PHE A 32 -4.49 18.75 -16.58
N SER A 33 -4.23 18.79 -17.87
CA SER A 33 -4.89 19.75 -18.79
C SER A 33 -6.21 19.21 -19.29
N LYS A 34 -6.54 18.00 -18.85
CA LYS A 34 -7.81 17.37 -19.11
C LYS A 34 -8.64 17.18 -17.83
N GLY A 35 -8.37 18.00 -16.82
CA GLY A 35 -9.28 18.12 -15.67
C GLY A 35 -9.08 17.06 -14.59
N TYR A 36 -7.91 16.45 -14.57
CA TYR A 36 -7.67 15.34 -13.59
C TYR A 36 -7.72 15.80 -12.12
N VAL A 37 -7.19 16.99 -11.82
CA VAL A 37 -7.22 17.45 -10.43
C VAL A 37 -8.67 17.69 -9.99
N ASP A 38 -9.44 18.37 -10.85
CA ASP A 38 -10.81 18.66 -10.53
C ASP A 38 -11.57 17.38 -10.32
N LEU A 39 -11.22 16.34 -11.08
CA LEU A 39 -11.88 15.07 -10.88
C LEU A 39 -11.49 14.56 -9.49
N LEU A 40 -10.18 14.58 -9.17
CA LEU A 40 -9.74 14.07 -7.87
C LEU A 40 -10.36 14.88 -6.71
N SER A 41 -10.61 16.19 -6.94
CA SER A 41 -11.32 16.97 -5.94
C SER A 41 -12.64 16.44 -5.50
N GLN A 42 -13.29 15.72 -6.38
CA GLN A 42 -14.58 15.19 -6.07
C GLN A 42 -14.45 14.03 -5.10
N LEU A 43 -13.27 13.44 -5.01
CA LEU A 43 -13.03 12.32 -4.11
C LEU A 43 -12.62 12.80 -2.70
N THR A 44 -11.66 13.72 -2.64
CA THR A 44 -11.18 14.26 -1.38
C THR A 44 -10.39 15.47 -1.71
N SER A 45 -9.74 16.03 -0.71
CA SER A 45 -8.94 17.20 -0.93
C SER A 45 -7.68 16.96 -1.79
N VAL A 46 -7.50 17.80 -2.80
CA VAL A 46 -6.24 17.83 -3.61
C VAL A 46 -5.10 18.74 -3.06
N GLY A 47 -5.39 19.46 -1.98
CA GLY A 47 -4.39 20.39 -1.41
C GLY A 47 -3.85 21.30 -2.49
N ASN A 48 -2.56 21.64 -2.39
CA ASN A 48 -1.90 22.61 -3.27
C ASN A 48 -1.27 22.13 -4.60
N LEU A 49 -1.64 20.96 -5.07
CA LEU A 49 -1.17 20.37 -6.36
C LEU A 49 -1.24 21.23 -7.63
N ASP A 50 -0.14 21.77 -8.09
CA ASP A 50 -0.22 22.51 -9.34
C ASP A 50 0.35 21.65 -10.45
N GLN A 51 0.41 22.17 -11.68
CA GLN A 51 0.88 21.35 -12.81
C GLN A 51 2.29 20.79 -12.54
N GLU A 52 3.16 21.66 -12.05
CA GLU A 52 4.56 21.31 -11.83
C GLU A 52 4.71 20.15 -10.79
N ALA A 53 4.02 20.27 -9.66
CA ALA A 53 3.94 19.18 -8.67
C ALA A 53 3.27 17.91 -9.24
N PHE A 54 2.19 18.11 -10.00
CA PHE A 54 1.60 16.98 -10.75
C PHE A 54 2.67 16.23 -11.57
N GLU A 55 3.48 16.98 -12.34
CA GLU A 55 4.39 16.35 -13.30
C GLU A 55 5.53 15.63 -12.60
N LYS A 56 6.01 16.24 -11.54
CA LYS A 56 7.08 15.64 -10.75
C LYS A 56 6.61 14.33 -10.07
N ARG A 57 5.44 14.38 -9.46
CA ARG A 57 4.82 13.17 -8.88
C ARG A 57 4.58 12.13 -9.94
N PHE A 58 4.00 12.57 -11.07
CA PHE A 58 3.75 11.65 -12.18
C PHE A 58 5.03 10.88 -12.63
N GLU A 59 6.14 11.59 -12.67
CA GLU A 59 7.39 10.96 -13.13
C GLU A 59 7.90 9.98 -12.08
N ALA A 60 7.73 10.39 -10.81
CA ALA A 60 8.20 9.55 -9.69
C ALA A 60 7.42 8.23 -9.71
N MET A 61 6.11 8.34 -9.93
CA MET A 61 5.25 7.13 -10.05
C MET A 61 5.58 6.34 -11.32
N ARG A 62 5.82 7.03 -12.43
CA ARG A 62 6.06 6.38 -13.70
C ARG A 62 7.29 5.47 -13.66
N THR A 63 8.28 5.91 -12.94
CA THR A 63 9.54 5.17 -12.89
C THR A 63 9.56 4.20 -11.70
N SER A 64 8.41 4.03 -11.02
CA SER A 64 8.32 3.00 -9.93
C SER A 64 8.11 1.57 -10.47
N VAL A 65 8.70 0.61 -9.74
CA VAL A 65 8.39 -0.79 -9.99
C VAL A 65 8.22 -1.44 -8.63
N PRO A 66 7.01 -1.98 -8.33
CA PRO A 66 5.83 -2.20 -9.13
C PRO A 66 5.32 -0.83 -9.65
N ASN A 67 4.64 -0.85 -10.76
CA ASN A 67 4.06 0.38 -11.35
C ASN A 67 2.88 0.87 -10.47
N TYR A 68 2.57 2.16 -10.63
CA TYR A 68 1.31 2.71 -10.15
C TYR A 68 0.34 2.54 -11.30
N HIS A 69 -0.61 1.62 -11.17
CA HIS A 69 -1.53 1.37 -12.28
C HIS A 69 -2.69 2.26 -12.10
N ILE A 70 -2.52 3.53 -12.48
CA ILE A 70 -3.58 4.49 -12.35
C ILE A 70 -4.29 4.52 -13.70
N VAL A 71 -5.56 4.11 -13.70
CA VAL A 71 -6.31 3.85 -14.91
C VAL A 71 -7.43 4.86 -14.95
N VAL A 72 -7.51 5.49 -16.11
CA VAL A 72 -8.55 6.53 -16.26
C VAL A 72 -9.45 6.29 -17.45
N ILE A 73 -10.57 7.05 -17.49
CA ILE A 73 -11.51 6.99 -18.63
C ILE A 73 -11.63 8.41 -19.12
N GLU A 74 -11.19 8.65 -20.36
CA GLU A 74 -11.42 9.93 -20.99
C GLU A 74 -12.72 9.81 -21.79
N ASP A 75 -13.59 10.81 -21.71
CA ASP A 75 -14.77 10.88 -22.60
C ASP A 75 -14.33 11.75 -23.76
N SER A 76 -14.23 11.15 -24.95
CA SER A 76 -13.55 11.80 -26.11
C SER A 76 -14.20 13.12 -26.54
N ASN A 77 -15.51 13.21 -26.32
CA ASN A 77 -16.27 14.42 -26.58
C ASN A 77 -15.75 15.71 -25.96
N SER A 78 -15.54 15.69 -24.64
CA SER A 78 -15.08 16.86 -23.90
C SER A 78 -13.57 16.91 -23.82
N GLN A 79 -12.92 15.82 -24.21
CA GLN A 79 -11.48 15.67 -23.95
C GLN A 79 -11.25 15.81 -22.45
N LYS A 80 -12.15 15.26 -21.61
CA LYS A 80 -11.94 15.31 -20.12
C LYS A 80 -11.79 13.89 -19.56
N VAL A 81 -11.07 13.77 -18.45
CA VAL A 81 -10.99 12.49 -17.74
C VAL A 81 -12.19 12.45 -16.83
N VAL A 82 -13.05 11.44 -16.95
CA VAL A 82 -14.25 11.34 -16.16
C VAL A 82 -14.28 10.23 -15.09
N ALA A 83 -13.25 9.40 -15.02
CA ALA A 83 -13.22 8.40 -13.95
C ALA A 83 -11.76 8.00 -13.76
N SER A 84 -11.44 7.51 -12.56
CA SER A 84 -10.05 7.13 -12.28
C SER A 84 -10.14 6.01 -11.23
N ALA A 85 -9.22 5.06 -11.27
CA ALA A 85 -9.13 4.18 -10.16
C ALA A 85 -7.69 3.65 -10.18
N SER A 86 -7.13 3.35 -9.02
CA SER A 86 -5.69 2.99 -9.02
C SER A 86 -5.47 1.61 -8.46
N LEU A 87 -4.58 0.83 -9.07
CA LEU A 87 -4.18 -0.44 -8.39
C LEU A 87 -2.69 -0.24 -8.02
N VAL A 88 -2.39 -0.26 -6.74
CA VAL A 88 -0.97 -0.13 -6.36
C VAL A 88 -0.58 -1.45 -5.73
N VAL A 89 0.72 -1.75 -5.79
CA VAL A 89 1.11 -3.13 -5.38
C VAL A 89 2.27 -3.05 -4.40
N GLU A 90 2.15 -3.77 -3.28
CA GLU A 90 3.16 -3.77 -2.25
C GLU A 90 3.91 -5.12 -2.30
N MET A 91 5.23 -5.03 -2.37
CA MET A 91 6.02 -6.30 -2.37
C MET A 91 6.03 -6.85 -0.96
N LYS A 92 6.09 -8.19 -0.83
CA LYS A 92 6.04 -8.84 0.44
C LYS A 92 7.15 -9.92 0.46
N PHE A 93 7.47 -10.37 1.68
CA PHE A 93 8.22 -11.63 1.82
C PHE A 93 7.26 -12.78 2.03
N ILE A 94 6.14 -12.52 2.71
CA ILE A 94 5.12 -13.60 2.93
C ILE A 94 4.61 -14.12 1.58
N HIS A 95 3.99 -15.30 1.60
CA HIS A 95 3.47 -15.88 0.39
C HIS A 95 4.46 -16.00 -0.74
N GLY A 96 5.66 -16.50 -0.41
CA GLY A 96 6.64 -16.89 -1.39
C GLY A 96 7.18 -15.64 -2.11
N ALA A 97 7.50 -14.62 -1.33
CA ALA A 97 7.85 -13.30 -1.87
C ALA A 97 6.74 -12.76 -2.83
N GLY A 98 5.52 -12.76 -2.34
CA GLY A 98 4.36 -12.50 -3.17
C GLY A 98 4.17 -11.00 -3.20
N SER A 99 3.04 -10.57 -3.74
CA SER A 99 2.72 -9.11 -3.76
C SER A 99 1.25 -8.89 -3.44
N ARG A 100 0.90 -7.76 -2.80
CA ARG A 100 -0.46 -7.52 -2.42
C ARG A 100 -0.95 -6.33 -3.22
N GLY A 101 -2.16 -6.45 -3.76
CA GLY A 101 -2.71 -5.32 -4.54
C GLY A 101 -3.67 -4.57 -3.72
N ARG A 102 -3.81 -3.28 -4.04
CA ARG A 102 -4.72 -2.42 -3.30
C ARG A 102 -5.40 -1.58 -4.31
N VAL A 103 -6.71 -1.46 -4.19
CA VAL A 103 -7.44 -0.56 -5.09
C VAL A 103 -7.69 0.78 -4.36
N GLU A 104 -7.35 1.89 -5.01
CA GLU A 104 -7.35 3.20 -4.33
C GLU A 104 -7.94 4.26 -5.20
N ASP A 105 -8.42 5.31 -4.57
CA ASP A 105 -8.74 6.57 -5.27
C ASP A 105 -9.71 6.37 -6.39
N VAL A 106 -10.80 5.62 -6.11
CA VAL A 106 -11.84 5.36 -7.11
C VAL A 106 -12.76 6.59 -7.17
N VAL A 107 -12.86 7.21 -8.34
CA VAL A 107 -13.72 8.42 -8.44
C VAL A 107 -14.40 8.36 -9.83
N VAL A 108 -15.71 8.64 -9.90
CA VAL A 108 -16.41 8.77 -11.20
C VAL A 108 -17.01 10.17 -11.16
N ASP A 109 -16.80 10.97 -12.18
CA ASP A 109 -17.26 12.37 -12.18
C ASP A 109 -18.74 12.48 -11.81
N THR A 110 -19.07 13.53 -11.05
CA THR A 110 -20.45 13.71 -10.55
C THR A 110 -21.55 13.63 -11.63
N GLU A 111 -21.27 14.15 -12.82
CA GLU A 111 -22.20 14.09 -13.96
C GLU A 111 -22.26 12.77 -14.71
N MET A 112 -21.41 11.79 -14.34
CA MET A 112 -21.25 10.58 -15.16
C MET A 112 -21.44 9.30 -14.39
N ARG A 113 -22.12 9.38 -13.27
CA ARG A 113 -22.45 8.15 -12.57
C ARG A 113 -23.58 7.32 -13.16
N ARG A 114 -23.64 6.05 -12.73
CA ARG A 114 -24.68 5.13 -13.17
C ARG A 114 -24.57 4.88 -14.66
N GLN A 115 -23.34 5.00 -15.16
CA GLN A 115 -23.06 4.72 -16.53
C GLN A 115 -22.07 3.58 -16.61
N LYS A 116 -21.94 2.85 -15.50
CA LYS A 116 -21.07 1.68 -15.48
C LYS A 116 -19.55 2.00 -15.62
N LEU A 117 -19.17 3.27 -15.56
CA LEU A 117 -17.75 3.66 -15.54
C LEU A 117 -16.98 3.05 -14.37
N GLY A 118 -17.61 3.05 -13.19
CA GLY A 118 -17.02 2.52 -11.99
C GLY A 118 -16.84 1.03 -12.10
N ALA A 119 -17.85 0.33 -12.63
CA ALA A 119 -17.78 -1.12 -12.85
C ALA A 119 -16.72 -1.49 -13.84
N VAL A 120 -16.57 -0.71 -14.89
CA VAL A 120 -15.56 -1.01 -15.86
C VAL A 120 -14.18 -0.89 -15.20
N LEU A 121 -13.96 0.18 -14.45
CA LEU A 121 -12.63 0.31 -13.80
C LEU A 121 -12.36 -0.81 -12.82
N LEU A 122 -13.37 -1.15 -12.04
CA LEU A 122 -13.15 -2.19 -11.03
C LEU A 122 -12.91 -3.54 -11.68
N LYS A 123 -13.67 -3.88 -12.74
CA LYS A 123 -13.43 -5.14 -13.41
C LYS A 123 -12.04 -5.20 -14.01
N THR A 124 -11.59 -4.10 -14.59
CA THR A 124 -10.30 -3.96 -15.20
C THR A 124 -9.21 -4.15 -14.15
N LEU A 125 -9.35 -3.46 -13.00
CA LEU A 125 -8.29 -3.56 -11.95
C LEU A 125 -8.22 -4.93 -11.36
N VAL A 126 -9.37 -5.57 -11.15
CA VAL A 126 -9.37 -6.91 -10.58
C VAL A 126 -8.66 -7.85 -11.53
N SER A 127 -9.01 -7.75 -12.81
CA SER A 127 -8.41 -8.64 -13.84
C SER A 127 -6.88 -8.45 -13.87
N LEU A 128 -6.48 -7.17 -13.84
CA LEU A 128 -5.08 -6.75 -13.85
C LEU A 128 -4.35 -7.27 -12.66
N GLY A 129 -4.94 -7.07 -11.47
CA GLY A 129 -4.30 -7.58 -10.25
C GLY A 129 -4.10 -9.09 -10.26
N LYS A 130 -5.13 -9.80 -10.69
CA LYS A 130 -5.04 -11.26 -10.78
C LYS A 130 -3.88 -11.63 -11.71
N SER A 131 -3.80 -10.94 -12.83
CA SER A 131 -2.83 -11.25 -13.83
C SER A 131 -1.41 -10.90 -13.41
N LEU A 132 -1.29 -9.89 -12.56
CA LEU A 132 0.02 -9.50 -12.06
C LEU A 132 0.51 -10.46 -11.00
N GLY A 133 -0.36 -11.33 -10.54
CA GLY A 133 0.10 -12.38 -9.64
C GLY A 133 -0.12 -12.08 -8.17
N VAL A 134 -0.88 -11.03 -7.84
CA VAL A 134 -0.97 -10.67 -6.41
C VAL A 134 -1.76 -11.77 -5.71
N TYR A 135 -1.42 -12.09 -4.46
CA TYR A 135 -2.18 -13.13 -3.73
C TYR A 135 -3.51 -12.64 -3.16
N LYS A 136 -3.66 -11.30 -3.02
CA LYS A 136 -4.85 -10.79 -2.36
C LYS A 136 -4.92 -9.39 -2.84
N ILE A 137 -6.14 -8.94 -3.09
CA ILE A 137 -6.42 -7.53 -3.51
C ILE A 137 -7.37 -6.99 -2.46
N SER A 138 -7.24 -5.71 -2.09
CA SER A 138 -8.11 -5.20 -1.04
C SER A 138 -8.45 -3.76 -1.34
N LEU A 139 -9.43 -3.24 -0.58
CA LEU A 139 -9.86 -1.83 -0.67
C LEU A 139 -10.60 -1.47 0.57
N GLU A 140 -10.82 -0.19 0.75
CA GLU A 140 -11.53 0.34 1.93
C GLU A 140 -12.70 1.16 1.43
N CYS A 141 -13.85 1.01 2.11
CA CYS A 141 -15.07 1.74 1.73
C CYS A 141 -16.01 1.82 2.93
N VAL A 142 -16.91 2.80 2.88
CA VAL A 142 -18.06 2.79 3.80
C VAL A 142 -18.96 1.54 3.61
N PRO A 143 -19.69 1.12 4.67
CA PRO A 143 -20.41 -0.12 4.60
C PRO A 143 -21.46 -0.07 3.47
N GLU A 144 -21.89 1.15 3.08
CA GLU A 144 -22.89 1.23 2.05
C GLU A 144 -22.36 0.83 0.69
N LEU A 145 -21.02 0.77 0.56
CA LEU A 145 -20.43 0.34 -0.71
C LEU A 145 -20.07 -1.17 -0.74
N LEU A 146 -20.28 -1.89 0.36
CA LEU A 146 -19.99 -3.35 0.37
C LEU A 146 -20.73 -4.07 -0.79
N PRO A 147 -22.03 -3.76 -0.93
CA PRO A 147 -22.67 -4.41 -2.08
C PRO A 147 -22.18 -3.96 -3.47
N PHE A 148 -21.71 -2.70 -3.64
CA PHE A 148 -21.04 -2.31 -4.87
C PHE A 148 -19.79 -3.23 -5.16
N TYR A 149 -18.89 -3.32 -4.18
CA TYR A 149 -17.59 -3.90 -4.47
C TYR A 149 -17.70 -5.40 -4.45
N SER A 150 -18.75 -5.91 -3.80
CA SER A 150 -19.04 -7.35 -3.76
C SER A 150 -19.19 -7.91 -5.16
N GLN A 151 -19.64 -7.05 -6.05
CA GLN A 151 -19.92 -7.44 -7.43
C GLN A 151 -18.66 -7.90 -8.11
N PHE A 152 -17.50 -7.47 -7.58
CA PHE A 152 -16.25 -7.73 -8.25
C PHE A 152 -15.38 -8.74 -7.53
N GLY A 153 -16.00 -9.47 -6.62
CA GLY A 153 -15.36 -10.58 -5.88
C GLY A 153 -14.81 -10.23 -4.51
N PHE A 154 -15.02 -9.00 -4.09
CA PHE A 154 -14.55 -8.57 -2.77
C PHE A 154 -15.53 -8.98 -1.68
N GLN A 155 -15.03 -9.20 -0.48
CA GLN A 155 -15.90 -9.45 0.65
C GLN A 155 -15.36 -8.80 1.90
N ASP A 156 -16.28 -8.46 2.80
CA ASP A 156 -15.97 -7.68 3.97
C ASP A 156 -15.00 -8.48 4.82
N ASP A 157 -13.99 -7.81 5.37
CA ASP A 157 -12.95 -8.55 6.07
C ASP A 157 -12.85 -7.92 7.45
N CYS A 158 -11.64 -7.85 8.01
CA CYS A 158 -11.44 -7.33 9.35
C CYS A 158 -11.51 -5.81 9.40
N ASN A 159 -11.17 -5.24 10.56
CA ASN A 159 -11.22 -3.79 10.79
C ASN A 159 -10.12 -3.06 10.07
N PHE A 160 -10.42 -1.81 9.77
CA PHE A 160 -9.47 -0.96 9.15
C PHE A 160 -9.33 0.20 10.12
N MET A 161 -8.09 0.56 10.51
CA MET A 161 -7.85 1.67 11.48
C MET A 161 -6.98 2.71 10.90
N THR A 162 -7.25 3.96 11.24
CA THR A 162 -6.49 5.01 10.65
C THR A 162 -6.08 6.10 11.69
N GLN A 163 -5.14 6.94 11.26
CA GLN A 163 -4.89 8.16 11.97
C GLN A 163 -4.33 9.19 11.03
N ARG A 164 -4.66 10.46 11.27
CA ARG A 164 -4.28 11.50 10.36
C ARG A 164 -3.24 12.45 10.95
N PHE A 165 -2.37 13.02 10.14
CA PHE A 165 -1.46 14.04 10.65
C PHE A 165 -1.67 15.28 9.80
N SER B 2 22.86 -4.09 2.26
CA SER B 2 22.95 -4.81 3.62
C SER B 2 21.77 -4.50 4.60
N HIS B 3 21.46 -3.22 4.87
CA HIS B 3 20.18 -2.84 5.54
C HIS B 3 19.14 -2.52 4.49
N ILE B 4 17.85 -2.82 4.75
CA ILE B 4 16.85 -2.64 3.73
C ILE B 4 16.50 -1.13 3.58
N PHE B 5 16.79 -0.35 4.58
CA PHE B 5 16.76 1.13 4.44
C PHE B 5 17.74 1.69 5.41
N ASP B 6 18.01 2.98 5.28
CA ASP B 6 19.10 3.68 6.02
C ASP B 6 18.79 3.82 7.49
N ALA B 7 19.63 3.17 8.32
CA ALA B 7 19.39 3.20 9.76
C ALA B 7 19.34 4.61 10.34
N SER B 8 20.04 5.56 9.70
CA SER B 8 19.91 6.94 10.25
C SER B 8 18.53 7.51 10.09
N VAL B 9 17.74 6.99 9.13
CA VAL B 9 16.35 7.40 9.01
C VAL B 9 15.56 6.94 10.29
N LEU B 10 15.92 5.76 10.80
CA LEU B 10 15.20 5.17 11.89
C LEU B 10 15.60 5.71 13.28
N ALA B 11 16.84 6.18 13.39
CA ALA B 11 17.45 6.48 14.72
C ALA B 11 16.61 7.36 15.63
N PRO B 12 16.05 8.48 15.11
CA PRO B 12 15.31 9.34 15.99
C PRO B 12 14.08 8.71 16.62
N HIS B 13 13.62 7.59 16.04
CA HIS B 13 12.30 7.03 16.40
C HIS B 13 12.45 5.89 17.29
N ILE B 14 13.70 5.55 17.62
CA ILE B 14 13.87 4.29 18.42
C ILE B 14 13.79 4.67 19.92
N PRO B 15 12.97 3.96 20.72
CA PRO B 15 12.77 4.41 22.11
C PRO B 15 14.08 4.26 22.91
N SER B 16 14.26 5.12 23.93
CA SER B 16 15.36 4.93 24.86
C SER B 16 14.88 3.84 25.85
N ASN B 17 15.81 3.26 26.60
CA ASN B 17 15.46 2.30 27.67
C ASN B 17 14.80 1.01 27.12
N LEU B 18 15.63 0.12 26.58
CA LEU B 18 15.22 -1.20 26.09
C LEU B 18 16.23 -2.19 26.65
N PRO B 19 15.78 -3.37 27.11
CA PRO B 19 16.73 -4.30 27.67
C PRO B 19 17.93 -4.45 26.74
N ASP B 20 19.12 -4.51 27.32
CA ASP B 20 20.39 -4.62 26.58
C ASP B 20 20.45 -5.69 25.47
N ASN B 21 19.72 -6.81 25.63
CA ASN B 21 19.76 -7.88 24.63
C ASN B 21 19.08 -7.52 23.27
N PHE B 22 18.40 -6.39 23.22
CA PHE B 22 17.51 -6.13 22.08
C PHE B 22 18.01 -5.00 21.20
N LYS B 23 18.09 -5.22 19.88
CA LYS B 23 18.54 -4.14 18.97
C LYS B 23 17.42 -3.89 17.95
N VAL B 24 16.89 -2.66 17.92
CA VAL B 24 15.88 -2.25 16.91
C VAL B 24 16.66 -1.65 15.72
N ARG B 25 16.35 -2.16 14.54
CA ARG B 25 17.08 -1.79 13.33
C ARG B 25 16.37 -2.20 12.09
N PRO B 26 16.89 -1.78 10.90
CA PRO B 26 16.24 -2.20 9.66
C PRO B 26 16.54 -3.70 9.51
N LEU B 27 15.60 -4.36 8.84
CA LEU B 27 15.85 -5.72 8.29
C LEU B 27 17.17 -5.71 7.55
N ALA B 28 17.97 -6.79 7.77
CA ALA B 28 19.24 -6.89 7.11
C ALA B 28 19.27 -8.16 6.20
N LYS B 29 20.12 -8.17 5.16
CA LYS B 29 20.03 -9.21 4.14
C LYS B 29 20.36 -10.54 4.80
N ASP B 30 21.18 -10.50 5.84
CA ASP B 30 21.61 -11.77 6.51
C ASP B 30 20.63 -12.18 7.59
N ASP B 31 19.47 -11.47 7.73
CA ASP B 31 18.47 -11.90 8.67
C ASP B 31 17.80 -13.23 8.32
N PHE B 32 18.00 -13.71 7.09
CA PHE B 32 17.42 -15.02 6.68
C PHE B 32 18.05 -16.08 7.61
N SER B 33 19.31 -15.86 7.93
CA SER B 33 20.07 -16.82 8.79
C SER B 33 19.83 -16.59 10.31
N LYS B 34 19.11 -15.51 10.62
CA LYS B 34 18.67 -15.23 11.97
C LYS B 34 17.15 -15.52 12.23
N GLY B 35 16.56 -16.40 11.41
CA GLY B 35 15.26 -16.96 11.68
C GLY B 35 14.08 -16.09 11.22
N TYR B 36 14.35 -15.22 10.25
CA TYR B 36 13.33 -14.23 9.84
C TYR B 36 12.20 -14.96 9.17
N VAL B 37 12.50 -16.02 8.39
CA VAL B 37 11.39 -16.75 7.77
C VAL B 37 10.53 -17.46 8.83
N ASP B 38 11.15 -18.13 9.81
CA ASP B 38 10.36 -18.70 10.87
C ASP B 38 9.53 -17.70 11.64
N LEU B 39 10.04 -16.49 11.80
CA LEU B 39 9.27 -15.47 12.48
C LEU B 39 8.05 -15.16 11.63
N LEU B 40 8.26 -14.88 10.32
CA LEU B 40 7.14 -14.55 9.47
C LEU B 40 6.08 -15.64 9.42
N SER B 41 6.50 -16.89 9.48
CA SER B 41 5.55 -17.99 9.48
C SER B 41 4.54 -17.95 10.66
N GLN B 42 4.89 -17.30 11.79
CA GLN B 42 3.96 -17.14 12.90
C GLN B 42 2.89 -16.12 12.54
N LEU B 43 3.13 -15.31 11.51
CA LEU B 43 2.05 -14.40 11.07
C LEU B 43 1.10 -15.01 10.05
N THR B 44 1.66 -15.69 9.07
CA THR B 44 0.89 -16.21 7.97
C THR B 44 1.81 -17.03 7.11
N SER B 45 1.26 -17.57 6.02
CA SER B 45 2.08 -18.47 5.22
C SER B 45 3.26 -17.76 4.52
N VAL B 46 4.45 -18.38 4.59
CA VAL B 46 5.63 -17.89 3.85
C VAL B 46 5.78 -18.54 2.48
N GLY B 47 4.93 -19.52 2.18
CA GLY B 47 4.98 -20.15 0.84
C GLY B 47 6.36 -20.72 0.60
N ASN B 48 6.87 -20.58 -0.62
CA ASN B 48 8.11 -21.20 -0.99
C ASN B 48 9.41 -20.35 -0.79
N LEU B 49 9.34 -19.30 0.04
CA LEU B 49 10.45 -18.40 0.31
C LEU B 49 11.76 -19.08 0.75
N ASP B 50 12.71 -19.19 -0.15
CA ASP B 50 14.04 -19.69 0.25
C ASP B 50 15.05 -18.56 0.23
N GLN B 51 16.31 -18.89 0.52
CA GLN B 51 17.28 -17.79 0.66
C GLN B 51 17.40 -16.92 -0.61
N GLU B 52 17.45 -17.58 -1.78
CA GLU B 52 17.60 -16.88 -3.05
C GLU B 52 16.44 -15.93 -3.27
N ALA B 53 15.23 -16.41 -3.01
CA ALA B 53 14.04 -15.56 -3.19
C ALA B 53 14.03 -14.44 -2.19
N PHE B 54 14.39 -14.76 -0.96
CA PHE B 54 14.44 -13.74 0.07
C PHE B 54 15.45 -12.68 -0.34
N GLU B 55 16.63 -13.11 -0.79
CA GLU B 55 17.68 -12.10 -1.13
C GLU B 55 17.26 -11.24 -2.31
N LYS B 56 16.64 -11.88 -3.30
CA LYS B 56 16.26 -11.18 -4.51
C LYS B 56 15.19 -10.14 -4.13
N ARG B 57 14.25 -10.57 -3.29
CA ARG B 57 13.17 -9.58 -2.88
C ARG B 57 13.73 -8.42 -2.00
N PHE B 58 14.67 -8.78 -1.10
CA PHE B 58 15.35 -7.82 -0.25
C PHE B 58 15.93 -6.69 -1.11
N GLU B 59 16.59 -7.11 -2.19
CA GLU B 59 17.30 -6.15 -3.07
C GLU B 59 16.30 -5.29 -3.79
N ALA B 60 15.18 -5.87 -4.19
CA ALA B 60 14.12 -5.05 -4.88
C ALA B 60 13.56 -4.01 -3.87
N MET B 61 13.40 -4.43 -2.63
CA MET B 61 12.91 -3.51 -1.63
C MET B 61 13.98 -2.51 -1.27
N ARG B 62 15.25 -2.91 -1.14
CA ARG B 62 16.28 -1.99 -0.62
C ARG B 62 16.43 -0.74 -1.58
N THR B 63 16.20 -1.03 -2.86
CA THR B 63 16.43 -0.04 -3.91
C THR B 63 15.13 0.73 -4.28
N SER B 64 14.09 0.55 -3.47
CA SER B 64 12.78 1.22 -3.72
C SER B 64 12.80 2.59 -3.07
N VAL B 65 12.16 3.57 -3.77
CA VAL B 65 11.94 4.88 -3.17
C VAL B 65 10.45 5.15 -3.41
N PRO B 66 9.64 5.31 -2.35
CA PRO B 66 9.86 5.35 -0.97
C PRO B 66 10.41 4.00 -0.53
N ASN B 67 11.17 4.06 0.54
CA ASN B 67 11.80 2.79 1.06
C ASN B 67 10.72 1.90 1.66
N TYR B 68 11.05 0.59 1.75
CA TYR B 68 10.35 -0.30 2.62
C TYR B 68 10.91 -0.25 4.02
N HIS B 69 10.19 0.36 5.00
CA HIS B 69 10.72 0.52 6.35
C HIS B 69 10.40 -0.68 7.17
N ILE B 70 11.11 -1.76 6.86
CA ILE B 70 10.84 -3.00 7.62
C ILE B 70 11.79 -2.93 8.82
N VAL B 71 11.20 -2.79 10.03
CA VAL B 71 11.97 -2.58 11.23
C VAL B 71 11.89 -3.89 12.05
N VAL B 72 13.02 -4.35 12.52
CA VAL B 72 12.99 -5.62 13.28
C VAL B 72 13.65 -5.46 14.62
N ILE B 73 13.50 -6.44 15.54
CA ILE B 73 14.26 -6.34 16.80
C ILE B 73 14.96 -7.69 16.85
N GLU B 74 16.25 -7.59 17.04
CA GLU B 74 17.04 -8.78 17.25
C GLU B 74 17.28 -8.96 18.75
N ASP B 75 17.26 -10.22 19.17
CA ASP B 75 17.68 -10.60 20.51
C ASP B 75 19.15 -11.01 20.35
N SER B 76 20.08 -10.14 20.72
CA SER B 76 21.49 -10.38 20.35
C SER B 76 22.05 -11.48 21.25
N ASN B 77 21.33 -11.75 22.32
CA ASN B 77 21.42 -13.01 23.05
C ASN B 77 20.43 -14.05 22.43
N SER B 78 20.76 -14.52 21.24
CA SER B 78 20.22 -15.75 20.63
C SER B 78 20.55 -15.57 19.18
N GLN B 79 20.82 -14.30 18.84
CA GLN B 79 21.12 -13.91 17.48
C GLN B 79 19.97 -14.27 16.55
N LYS B 80 18.74 -14.04 17.01
CA LYS B 80 17.56 -14.29 16.21
C LYS B 80 16.71 -13.02 16.16
N VAL B 81 16.02 -12.84 15.04
CA VAL B 81 15.07 -11.75 14.97
C VAL B 81 13.79 -12.21 15.64
N VAL B 82 13.30 -11.42 16.60
CA VAL B 82 12.19 -11.84 17.39
C VAL B 82 10.99 -11.01 17.13
N ALA B 83 11.10 -9.92 16.34
CA ALA B 83 9.88 -9.14 16.13
C ALA B 83 10.08 -8.34 14.86
N SER B 84 9.00 -8.06 14.14
CA SER B 84 9.14 -7.26 12.87
C SER B 84 7.87 -6.43 12.68
N ALA B 85 7.98 -5.26 12.04
CA ALA B 85 6.81 -4.54 11.63
C ALA B 85 7.22 -3.64 10.48
N SER B 86 6.30 -3.41 9.52
CA SER B 86 6.70 -2.71 8.31
C SER B 86 5.88 -1.43 8.18
N LEU B 87 6.55 -0.37 7.83
CA LEU B 87 5.87 0.88 7.37
C LEU B 87 6.16 0.98 5.91
N VAL B 88 5.12 0.91 5.07
CA VAL B 88 5.32 1.07 3.65
C VAL B 88 4.52 2.31 3.21
N VAL B 89 4.94 2.93 2.15
CA VAL B 89 4.43 4.30 1.81
C VAL B 89 4.01 4.29 0.38
N GLU B 90 2.75 4.71 0.15
CA GLU B 90 2.22 4.91 -1.18
C GLU B 90 2.16 6.38 -1.56
N MET B 91 2.72 6.68 -2.71
CA MET B 91 2.70 8.14 -3.28
C MET B 91 1.30 8.40 -3.78
N LYS B 92 0.83 9.65 -3.68
CA LYS B 92 -0.51 10.00 -4.07
C LYS B 92 -0.44 11.31 -4.84
N PHE B 93 -1.53 11.62 -5.53
CA PHE B 93 -1.71 13.00 -6.03
C PHE B 93 -2.57 13.82 -5.08
N ILE B 94 -3.55 13.17 -4.48
CA ILE B 94 -4.37 13.80 -3.45
C ILE B 94 -3.49 14.36 -2.32
N HIS B 95 -4.04 15.34 -1.61
CA HIS B 95 -3.34 16.00 -0.51
C HIS B 95 -2.03 16.60 -0.86
N GLY B 96 -1.98 17.39 -1.97
CA GLY B 96 -0.78 18.04 -2.43
C GLY B 96 0.37 17.09 -2.75
N ALA B 97 0.07 16.12 -3.61
CA ALA B 97 1.01 15.01 -3.93
C ALA B 97 1.61 14.49 -2.58
N GLY B 98 0.70 14.10 -1.75
CA GLY B 98 1.02 13.60 -0.41
C GLY B 98 1.35 12.13 -0.48
N SER B 99 1.62 11.55 0.68
CA SER B 99 1.83 10.09 0.77
C SER B 99 1.09 9.44 1.92
N ARG B 100 0.70 8.15 1.74
CA ARG B 100 -0.04 7.43 2.73
C ARG B 100 0.89 6.39 3.26
N GLY B 101 0.86 6.20 4.57
CA GLY B 101 1.70 5.13 5.22
C GLY B 101 0.86 3.98 5.68
N ARG B 102 1.40 2.75 5.62
CA ARG B 102 0.61 1.65 6.07
C ARG B 102 1.51 0.76 6.90
N VAL B 103 0.94 0.30 8.01
CA VAL B 103 1.64 -0.58 8.92
C VAL B 103 1.23 -1.99 8.54
N GLU B 104 2.26 -2.80 8.32
CA GLU B 104 2.07 -4.15 7.77
C GLU B 104 2.94 -5.18 8.48
N ASP B 105 2.47 -6.42 8.46
CA ASP B 105 3.28 -7.63 8.85
C ASP B 105 3.85 -7.49 10.21
N VAL B 106 2.97 -7.12 11.16
CA VAL B 106 3.42 -6.97 12.56
C VAL B 106 3.49 -8.38 13.17
N VAL B 107 4.66 -8.82 13.60
CA VAL B 107 4.70 -10.16 14.19
C VAL B 107 5.71 -10.14 15.36
N VAL B 108 5.37 -10.76 16.50
CA VAL B 108 6.28 -10.82 17.60
C VAL B 108 6.37 -12.35 17.85
N ASP B 109 7.58 -12.83 17.96
CA ASP B 109 7.79 -14.27 18.22
C ASP B 109 6.90 -14.70 19.40
N THR B 110 6.26 -15.88 19.23
CA THR B 110 5.33 -16.36 20.25
C THR B 110 5.88 -16.40 21.66
N GLU B 111 7.14 -16.84 21.80
CA GLU B 111 7.79 -16.93 23.10
C GLU B 111 8.22 -15.57 23.69
N MET B 112 8.19 -14.52 22.86
CA MET B 112 8.68 -13.18 23.24
C MET B 112 7.54 -12.15 23.34
N ARG B 113 6.30 -12.62 23.36
CA ARG B 113 5.15 -11.74 23.54
C ARG B 113 5.00 -11.22 24.96
N ARG B 114 4.17 -10.19 25.10
CA ARG B 114 3.97 -9.55 26.41
C ARG B 114 5.25 -8.97 27.03
N GLN B 115 6.23 -8.64 26.18
CA GLN B 115 7.49 -7.99 26.61
C GLN B 115 7.65 -6.64 25.97
N LYS B 116 6.51 -6.11 25.48
CA LYS B 116 6.42 -4.75 24.89
C LYS B 116 7.07 -4.56 23.50
N LEU B 117 7.63 -5.63 22.92
CA LEU B 117 8.29 -5.52 21.59
C LEU B 117 7.34 -4.94 20.56
N GLY B 118 6.08 -5.39 20.58
CA GLY B 118 5.12 -4.91 19.64
C GLY B 118 4.87 -3.45 19.83
N ALA B 119 4.71 -3.00 21.07
CA ALA B 119 4.55 -1.54 21.32
C ALA B 119 5.77 -0.67 20.91
N VAL B 120 6.97 -1.17 21.17
CA VAL B 120 8.17 -0.51 20.71
C VAL B 120 8.09 -0.30 19.20
N LEU B 121 7.81 -1.38 18.46
CA LEU B 121 7.78 -1.27 16.98
C LEU B 121 6.67 -0.35 16.58
N LEU B 122 5.51 -0.43 17.22
CA LEU B 122 4.44 0.49 16.73
C LEU B 122 4.73 1.93 17.05
N LYS B 123 5.20 2.17 18.27
CA LYS B 123 5.66 3.50 18.61
C LYS B 123 6.70 4.06 17.65
N THR B 124 7.66 3.24 17.30
CA THR B 124 8.69 3.65 16.35
C THR B 124 8.08 3.95 14.95
N LEU B 125 7.19 3.10 14.45
CA LEU B 125 6.73 3.28 13.08
C LEU B 125 5.80 4.50 13.02
N VAL B 126 5.01 4.70 14.06
CA VAL B 126 4.14 5.91 14.02
C VAL B 126 5.01 7.19 13.98
N SER B 127 6.02 7.25 14.83
CA SER B 127 6.92 8.38 14.90
C SER B 127 7.64 8.55 13.58
N LEU B 128 8.12 7.41 13.02
CA LEU B 128 8.75 7.48 11.72
C LEU B 128 7.81 8.02 10.65
N GLY B 129 6.59 7.52 10.63
CA GLY B 129 5.63 7.92 9.61
C GLY B 129 5.24 9.39 9.74
N LYS B 130 4.96 9.83 10.95
CA LYS B 130 4.84 11.29 11.14
C LYS B 130 6.00 12.09 10.56
N SER B 131 7.24 11.72 10.87
CA SER B 131 8.38 12.43 10.42
C SER B 131 8.56 12.37 8.90
N LEU B 132 8.11 11.28 8.25
CA LEU B 132 8.18 11.17 6.80
C LEU B 132 7.18 12.07 6.08
N GLY B 133 6.25 12.64 6.82
CA GLY B 133 5.29 13.59 6.20
C GLY B 133 4.02 12.95 5.69
N VAL B 134 3.77 11.69 6.02
CA VAL B 134 2.56 11.08 5.52
C VAL B 134 1.31 11.76 6.13
N TYR B 135 0.26 11.87 5.32
CA TYR B 135 -0.96 12.51 5.82
C TYR B 135 -1.85 11.60 6.57
N LYS B 136 -1.66 10.27 6.44
CA LYS B 136 -2.56 9.31 7.05
C LYS B 136 -1.75 8.01 7.15
N ILE B 137 -1.88 7.34 8.26
CA ILE B 137 -1.26 6.02 8.44
C ILE B 137 -2.40 5.09 8.79
N SER B 138 -2.36 3.83 8.33
CA SER B 138 -3.49 2.94 8.55
C SER B 138 -2.96 1.55 8.75
N LEU B 139 -3.85 0.68 9.17
CA LEU B 139 -3.54 -0.79 9.34
C LEU B 139 -4.80 -1.58 9.39
N GLU B 140 -4.72 -2.91 9.33
CA GLU B 140 -5.87 -3.77 9.41
C GLU B 140 -5.65 -4.73 10.55
N CYS B 141 -6.71 -5.06 11.27
CA CYS B 141 -6.59 -5.97 12.38
C CYS B 141 -7.96 -6.57 12.74
N VAL B 142 -7.91 -7.73 13.37
CA VAL B 142 -9.12 -8.27 14.00
C VAL B 142 -9.65 -7.31 15.08
N PRO B 143 -10.97 -7.31 15.33
CA PRO B 143 -11.51 -6.32 16.24
C PRO B 143 -10.90 -6.32 17.66
N GLU B 144 -10.48 -7.52 18.09
CA GLU B 144 -9.84 -7.63 19.39
C GLU B 144 -8.62 -6.74 19.57
N LEU B 145 -7.99 -6.35 18.46
CA LEU B 145 -6.81 -5.51 18.53
C LEU B 145 -7.07 -4.04 18.37
N LEU B 146 -8.33 -3.64 18.22
CA LEU B 146 -8.60 -2.20 18.22
C LEU B 146 -8.03 -1.43 19.43
N PRO B 147 -8.26 -1.95 20.65
CA PRO B 147 -7.75 -1.18 21.81
C PRO B 147 -6.21 -1.22 21.89
N PHE B 148 -5.59 -2.27 21.35
CA PHE B 148 -4.11 -2.34 21.21
C PHE B 148 -3.57 -1.24 20.36
N TYR B 149 -4.10 -1.10 19.15
CA TYR B 149 -3.52 -0.18 18.21
C TYR B 149 -4.01 1.22 18.47
N SER B 150 -5.12 1.36 19.22
CA SER B 150 -5.56 2.73 19.56
C SER B 150 -4.54 3.40 20.48
N GLN B 151 -3.73 2.62 21.19
CA GLN B 151 -2.60 3.20 22.02
C GLN B 151 -1.60 4.08 21.23
N PHE B 152 -1.48 3.83 19.92
CA PHE B 152 -0.53 4.50 19.08
C PHE B 152 -1.24 5.46 18.18
N GLY B 153 -2.47 5.79 18.57
CA GLY B 153 -3.14 6.92 17.92
C GLY B 153 -4.12 6.50 16.82
N PHE B 154 -4.27 5.20 16.62
CA PHE B 154 -5.20 4.70 15.56
C PHE B 154 -6.61 4.66 16.07
N GLN B 155 -7.58 4.84 15.16
CA GLN B 155 -9.01 4.77 15.45
C GLN B 155 -9.64 3.85 14.43
N ASP B 156 -10.60 3.02 14.85
CA ASP B 156 -11.47 2.27 13.90
C ASP B 156 -12.07 3.17 12.83
N ASP B 157 -12.02 2.69 11.58
CA ASP B 157 -12.45 3.54 10.47
C ASP B 157 -13.51 2.75 9.66
N CYS B 158 -13.53 2.90 8.33
CA CYS B 158 -14.56 2.23 7.50
C CYS B 158 -14.24 0.75 7.27
N ASN B 159 -14.94 0.10 6.33
CA ASN B 159 -14.75 -1.32 6.16
C ASN B 159 -13.51 -1.57 5.30
N PHE B 160 -13.00 -2.81 5.37
CA PHE B 160 -11.85 -3.25 4.59
C PHE B 160 -12.38 -4.52 3.88
N MET B 161 -12.25 -4.57 2.55
CA MET B 161 -12.74 -5.71 1.75
C MET B 161 -11.56 -6.39 1.07
N THR B 162 -11.60 -7.71 0.97
CA THR B 162 -10.52 -8.42 0.37
C THR B 162 -11.04 -9.44 -0.67
N GLN B 163 -10.15 -9.79 -1.59
CA GLN B 163 -10.33 -10.95 -2.49
C GLN B 163 -9.03 -11.74 -2.62
N ARG B 164 -9.02 -13.07 -2.46
CA ARG B 164 -7.75 -13.84 -2.61
C ARG B 164 -7.75 -14.51 -3.96
N PHE B 165 -6.59 -14.70 -4.52
CA PHE B 165 -6.55 -15.41 -5.77
C PHE B 165 -5.94 -16.76 -5.59
N1A COA C . -24.52 -0.93 -3.99
C2A COA C . -24.84 -2.11 -4.71
N3A COA C . -24.84 -2.09 -6.10
C4A COA C . -24.53 -0.93 -6.71
C5A COA C . -24.21 0.19 -6.02
C6A COA C . -24.22 0.18 -4.68
N6A COA C . -23.91 1.32 -4.07
N7A COA C . -23.95 1.19 -6.87
C8A COA C . -24.07 0.67 -8.10
N9A COA C . -24.45 -0.62 -8.00
C1B COA C . -24.64 -1.50 -9.10
C2B COA C . -25.54 -1.00 -10.21
O2B COA C . -26.81 -1.74 -10.19
C3B COA C . -24.72 -1.36 -11.46
O3B COA C . -24.94 -2.72 -11.83
P3B COA C . -25.89 -3.14 -13.04
O7A COA C . -27.38 -2.61 -12.58
O8A COA C . -25.89 -4.74 -12.85
O9A COA C . -25.33 -2.57 -14.29
C4B COA C . -23.27 -1.43 -10.99
O4B COA C . -23.29 -1.32 -9.60
C5B COA C . -22.47 -0.30 -11.58
O5B COA C . -22.95 0.92 -11.01
P1A COA C . -22.41 2.15 -11.82
O1A COA C . -23.51 3.06 -12.24
O2A COA C . -21.49 1.58 -12.81
O3A COA C . -21.55 2.88 -10.78
P2A COA C . -20.77 4.22 -11.08
O4A COA C . -21.75 5.33 -10.75
O5A COA C . -20.02 4.29 -12.34
O6A COA C . -19.68 4.10 -9.83
CBP COA C . -19.21 4.54 -7.57
CCP COA C . -20.01 3.65 -8.53
CDP COA C . -19.59 4.30 -6.10
CEP COA C . -17.74 4.21 -7.69
CAP COA C . -19.51 6.02 -8.02
OAP COA C . -20.91 6.17 -8.32
C9P COA C . -19.30 7.05 -6.95
O9P COA C . -20.25 7.78 -6.62
N8P COA C . -18.10 7.15 -6.44
C7P COA C . -17.92 8.14 -5.33
C6P COA C . -18.34 7.61 -3.92
C5P COA C . -19.85 7.57 -3.68
O5P COA C . -20.59 8.49 -4.05
N4P COA C . -20.29 6.49 -3.04
C3P COA C . -21.71 6.31 -2.74
C2P COA C . -21.90 6.58 -1.27
S1P COA C . -22.64 5.14 -0.44
C1 EDO D . 2.94 1.14 -6.62
O1 EDO D . 2.34 -0.01 -7.06
C2 EDO D . 4.26 0.89 -5.89
O2 EDO D . 4.13 -0.02 -4.84
C1 16G E . -11.37 6.08 0.17
C2 16G E . -10.60 5.50 -1.03
C3 16G E . -9.07 5.73 -0.83
C4 16G E . -8.78 7.24 -0.82
C5 16G E . -9.60 7.91 0.33
C6 16G E . -9.48 9.41 0.27
C7 16G E . -11.30 3.66 -2.57
C8 16G E . -11.53 2.18 -2.73
N2 16G E . -10.97 4.07 -1.32
O1 16G E . -11.12 5.31 1.41
O3 16G E . -8.35 5.08 -1.88
O4 16G E . -7.42 7.51 -0.64
O5 16G E . -11.00 7.51 0.23
O6 16G E . -10.10 9.92 1.48
O7 16G E . -11.47 4.40 -3.55
P 16G E . -9.14 10.63 2.56
O1P 16G E . -9.99 10.99 3.78
O2P 16G E . -8.72 11.99 1.90
O3P 16G E . -8.04 9.84 3.13
N1A COA F . -5.96 -3.72 24.54
C2A COA F . -5.40 -2.59 25.21
N3A COA F . -4.04 -2.65 25.52
C4A COA F . -3.30 -3.77 25.16
C5A COA F . -3.89 -4.82 24.54
C6A COA F . -5.20 -4.80 24.22
N6A COA F . -5.70 -5.88 23.61
N7A COA F . -2.92 -5.71 24.30
C8A COA F . -1.75 -5.30 24.81
N9A COA F . -1.99 -4.09 25.31
C1B COA F . -1.03 -3.19 25.96
C2B COA F . -0.31 -3.85 27.13
O2B COA F . -1.12 -3.67 28.28
C3B COA F . 0.91 -3.01 27.21
O3B COA F . 0.54 -1.72 27.83
P3B COA F . 1.49 -1.06 29.04
O7A COA F . 0.97 -1.92 30.22
O8A COA F . 1.04 0.53 29.12
O9A COA F . 2.97 -1.19 28.73
C4B COA F . 1.26 -2.75 25.70
O4B COA F . -0.01 -2.76 25.00
C5B COA F . 2.22 -3.80 25.13
O5B COA F . 1.52 -5.03 25.16
P1A COA F . 2.40 -6.39 25.00
O1A COA F . 1.33 -7.37 25.33
O2A COA F . 3.72 -6.42 25.70
O3A COA F . 2.81 -6.29 23.44
P2A COA F . 3.44 -7.44 22.48
O4A COA F . 3.10 -8.85 22.85
O5A COA F . 4.88 -7.12 22.29
O6A COA F . 2.50 -6.90 21.36
CBP COA F . 1.15 -7.88 19.47
CCP COA F . 2.26 -6.97 20.03
CDP COA F . -0.40 -7.78 19.67
CEP COA F . 1.40 -7.35 18.05
CAP COA F . 1.68 -9.31 19.73
OAP COA F . 1.27 -9.73 21.02
C9P COA F . 1.17 -10.28 18.74
O9P COA F . 1.61 -10.23 17.60
N8P COA F . 0.29 -11.19 19.16
C7P COA F . -0.21 -12.19 18.19
C6P COA F . -1.44 -11.62 17.41
C5P COA F . -2.67 -11.47 18.28
O5P COA F . -2.63 -11.53 19.51
N4P COA F . -3.81 -11.27 17.59
C3P COA F . -5.14 -11.10 18.18
C2P COA F . -5.89 -12.44 18.20
S1P COA F . -7.47 -12.29 19.08
C1 16G G . -2.66 -8.85 8.92
C2 16G G . -1.50 -7.87 8.82
C3 16G G . -1.10 -7.69 7.38
C4 16G G . -0.60 -9.07 6.91
C5 16G G . -1.79 -10.08 6.96
C6 16G G . -1.33 -11.55 6.77
C7 16G G . -0.93 -6.14 10.51
C8 16G G . -1.21 -4.73 11.15
N2 16G G . -1.79 -6.56 9.52
O1 16G G . -3.80 -8.30 8.24
O3 16G G . 0.00 -6.71 7.27
O4 16G G . -0.20 -8.89 5.55
O5 16G G . -2.30 -10.13 8.32
O6 16G G . -2.57 -12.28 6.51
O7 16G G . 0.05 -6.82 10.87
P 16G G . -2.86 -12.82 5.09
O1P 16G G . -4.20 -13.69 5.39
O2P 16G G . -1.70 -13.86 4.83
O3P 16G G . -3.16 -11.74 4.08
C1 EDO H . 7.35 0.89 0.01
O1 EDO H . 7.22 1.93 0.94
C2 EDO H . 7.35 1.56 -1.34
O2 EDO H . 5.99 1.88 -1.66
#